data_9KHC
#
_entry.id   9KHC
#
_cell.length_a   36.897
_cell.length_b   66.947
_cell.length_c   91.428
_cell.angle_alpha   90.000
_cell.angle_beta   98.290
_cell.angle_gamma   90.000
#
_symmetry.space_group_name_H-M   'P 1 21 1'
#
loop_
_entity.id
_entity.type
_entity.pdbx_description
1 polymer 'Isoform Gamma-A of Fibrinogen gamma chain'
2 polymer GLY-PRO-ARG-PRO
3 non-polymer 'CALCIUM ION'
4 non-polymer GLYCEROL
5 water water
#
loop_
_entity_poly.entity_id
_entity_poly.type
_entity_poly.pdbx_seq_one_letter_code
_entity_poly.pdbx_strand_id
1 'polypeptide(L)'
;YVEFVQIHDITGKDCQDIANKGAKQSGLYFIKPLKANQQFLVYCEIDGSGNGWTVFQKRLDGSVDFKKNWIQYKEGFGHL
SPTGTTEFWLGNEKIHLISTQSAIPYALRVELEDWNGRTSTADYAMFKVGPEADKYRLTYAYFAGGDAGDAFDGFDFGDD
PSDKFFTSHNGMQFSTWDNDNDKFEGNCAEQDGSGWWMNKCHAGHLNGVYYQGGTYSKASTPNGYDNGIIWATWKTRWYS
MKKTTMKIIPFNRLTIGEGQQHHLGGAKQAGDV
;
A,C
2 'polypeptide(L)' GPRP B,D
#
loop_
_chem_comp.id
_chem_comp.type
_chem_comp.name
_chem_comp.formula
CA non-polymer 'CALCIUM ION' 'Ca 2'
GOL non-polymer GLYCEROL 'C3 H8 O3'
#
# COMPACT_ATOMS: atom_id res chain seq x y z
N ILE A 7 2.07 -1.60 26.54
CA ILE A 7 3.41 -2.21 26.26
C ILE A 7 3.27 -3.74 26.22
N HIS A 8 3.83 -4.33 25.16
CA HIS A 8 3.75 -5.77 24.92
C HIS A 8 4.77 -6.51 25.80
N ASP A 9 4.61 -7.83 25.96
CA ASP A 9 5.35 -8.64 26.92
C ASP A 9 6.62 -9.25 26.33
N ILE A 10 6.57 -9.66 25.07
CA ILE A 10 7.73 -10.26 24.43
C ILE A 10 8.84 -9.22 24.35
N THR A 11 10.08 -9.65 24.57
CA THR A 11 11.22 -8.76 24.47
C THR A 11 12.31 -9.44 23.64
N GLY A 12 13.43 -8.74 23.46
CA GLY A 12 14.53 -9.24 22.67
C GLY A 12 15.54 -8.13 22.41
N LYS A 13 16.45 -8.37 21.48
CA LYS A 13 17.54 -7.42 21.25
C LYS A 13 17.12 -6.31 20.28
N ASP A 14 16.06 -6.57 19.51
CA ASP A 14 15.53 -5.66 18.50
C ASP A 14 14.14 -6.18 18.15
N CYS A 15 13.44 -5.45 17.28
CA CYS A 15 12.08 -5.80 16.91
C CYS A 15 12.00 -7.05 16.05
N GLN A 16 13.09 -7.39 15.35
CA GLN A 16 13.10 -8.62 14.57
C GLN A 16 13.18 -9.82 15.50
N ASP A 17 13.99 -9.70 16.55
CA ASP A 17 14.12 -10.77 17.54
C ASP A 17 12.75 -11.03 18.16
N ILE A 18 12.04 -9.94 18.44
CA ILE A 18 10.70 -9.98 19.00
C ILE A 18 9.72 -10.66 18.03
N ALA A 19 9.76 -10.28 16.76
CA ALA A 19 8.93 -10.92 15.75
C ALA A 19 9.25 -12.42 15.64
N ASN A 20 10.53 -12.77 15.73
CA ASN A 20 10.97 -14.15 15.63
C ASN A 20 10.44 -14.99 16.79
N LYS A 21 10.12 -14.35 17.92
CA LYS A 21 9.61 -15.04 19.10
C LYS A 21 8.08 -15.14 19.06
N GLY A 22 7.46 -14.67 17.96
CA GLY A 22 6.04 -14.86 17.75
C GLY A 22 5.18 -13.61 17.97
N ALA A 23 5.80 -12.44 18.13
CA ALA A 23 5.04 -11.20 18.19
C ALA A 23 4.53 -10.88 16.79
N LYS A 24 3.25 -10.53 16.70
CA LYS A 24 2.61 -10.23 15.43
C LYS A 24 2.06 -8.80 15.38
N GLN A 25 1.94 -8.12 16.53
CA GLN A 25 1.28 -6.82 16.56
C GLN A 25 2.29 -5.68 16.64
N SER A 26 2.14 -4.69 15.75
CA SER A 26 2.87 -3.44 15.84
C SER A 26 2.52 -2.74 17.14
N GLY A 27 3.51 -2.06 17.73
CA GLY A 27 3.27 -1.32 18.96
C GLY A 27 4.56 -1.18 19.76
N LEU A 28 4.39 -0.96 21.07
CA LEU A 28 5.50 -0.65 21.95
C LEU A 28 5.98 -1.93 22.65
N TYR A 29 7.31 -2.10 22.66
CA TYR A 29 7.99 -3.24 23.25
C TYR A 29 9.26 -2.74 23.90
N PHE A 30 9.71 -3.45 24.94
CA PHE A 30 11.05 -3.23 25.46
C PHE A 30 12.02 -4.08 24.64
N ILE A 31 13.18 -3.50 24.37
CA ILE A 31 14.32 -4.25 23.85
C ILE A 31 15.51 -3.97 24.73
N LYS A 32 16.50 -4.86 24.62
CA LYS A 32 17.72 -4.67 25.38
C LYS A 32 18.89 -5.17 24.54
N PRO A 33 19.42 -4.29 23.66
CA PRO A 33 20.56 -4.66 22.85
C PRO A 33 21.73 -5.03 23.75
N LEU A 34 22.68 -5.72 23.14
CA LEU A 34 23.77 -6.37 23.84
C LEU A 34 24.34 -5.53 24.99
N LYS A 35 24.72 -4.28 24.68
CA LYS A 35 25.59 -3.50 25.56
C LYS A 35 24.78 -2.45 26.33
N ALA A 36 23.45 -2.53 26.24
CA ALA A 36 22.59 -1.58 26.92
C ALA A 36 22.59 -1.86 28.41
N ASN A 37 22.78 -0.77 29.19
CA ASN A 37 22.76 -0.80 30.64
C ASN A 37 21.42 -1.32 31.13
N GLN A 38 20.36 -0.93 30.43
CA GLN A 38 19.03 -1.37 30.78
C GLN A 38 18.16 -1.39 29.54
N GLN A 39 17.06 -2.12 29.68
CA GLN A 39 16.10 -2.20 28.60
C GLN A 39 15.47 -0.83 28.35
N PHE A 40 14.96 -0.63 27.14
CA PHE A 40 14.27 0.61 26.82
C PHE A 40 13.15 0.34 25.82
N LEU A 41 12.20 1.27 25.79
CA LEU A 41 11.01 1.12 24.97
C LEU A 41 11.28 1.56 23.53
N VAL A 42 10.68 0.81 22.59
CA VAL A 42 10.74 1.12 21.16
C VAL A 42 9.37 0.86 20.56
N TYR A 43 9.14 1.49 19.40
CA TYR A 43 8.06 1.14 18.52
C TYR A 43 8.52 0.10 17.48
N CYS A 44 7.88 -1.06 17.50
CA CYS A 44 8.12 -2.09 16.49
C CYS A 44 6.99 -2.07 15.47
N GLU A 45 7.36 -2.02 14.20
CA GLU A 45 6.42 -2.23 13.12
C GLU A 45 6.56 -3.68 12.66
N ILE A 46 5.51 -4.48 12.86
CA ILE A 46 5.58 -5.89 12.54
C ILE A 46 4.56 -6.15 11.44
N ASP A 47 5.04 -6.63 10.29
CA ASP A 47 4.18 -6.81 9.13
C ASP A 47 3.62 -8.24 9.14
N GLY A 48 2.93 -8.62 8.06
CA GLY A 48 2.30 -9.93 7.99
C GLY A 48 3.27 -11.04 7.58
N SER A 49 4.51 -10.68 7.22
CA SER A 49 5.51 -11.61 6.74
C SER A 49 6.54 -11.93 7.81
N GLY A 50 6.31 -11.50 9.06
CA GLY A 50 7.24 -11.80 10.13
C GLY A 50 8.42 -10.83 10.18
N ASN A 51 8.35 -9.72 9.45
CA ASN A 51 9.37 -8.68 9.51
C ASN A 51 9.05 -7.72 10.65
N GLY A 52 10.03 -7.53 11.55
CA GLY A 52 9.91 -6.65 12.69
C GLY A 52 10.91 -5.50 12.58
N TRP A 53 10.40 -4.32 12.19
CA TRP A 53 11.23 -3.15 12.05
C TRP A 53 11.29 -2.40 13.36
N THR A 54 12.49 -1.91 13.69
CA THR A 54 12.67 -1.07 14.85
C THR A 54 12.71 0.38 14.39
N VAL A 55 11.71 1.16 14.79
CA VAL A 55 11.57 2.52 14.30
C VAL A 55 12.35 3.46 15.22
N PHE A 56 13.19 4.34 14.65
CA PHE A 56 13.96 5.27 15.47
C PHE A 56 13.67 6.72 15.18
N GLN A 57 12.90 7.01 14.13
CA GLN A 57 12.49 8.38 13.83
C GLN A 57 11.12 8.34 13.18
N LYS A 58 10.26 9.28 13.59
CA LYS A 58 8.94 9.42 12.99
C LYS A 58 8.57 10.90 12.94
N ARG A 59 8.13 11.35 11.76
CA ARG A 59 7.51 12.66 11.58
C ARG A 59 6.15 12.44 10.96
N LEU A 60 5.13 13.23 11.36
CA LEU A 60 3.84 13.06 10.73
C LEU A 60 2.88 14.23 10.96
N ASP A 61 3.22 15.24 11.78
CA ASP A 61 2.24 16.29 12.02
C ASP A 61 2.80 17.62 12.55
N GLY A 62 4.13 17.72 12.81
CA GLY A 62 4.67 18.97 13.31
C GLY A 62 4.50 19.17 14.80
N SER A 63 4.13 18.11 15.54
CA SER A 63 3.84 18.22 16.97
C SER A 63 5.08 18.37 17.85
N VAL A 64 6.26 17.99 17.33
CA VAL A 64 7.49 18.00 18.11
C VAL A 64 8.50 18.90 17.42
N ASP A 65 9.16 19.77 18.20
CA ASP A 65 10.21 20.62 17.65
C ASP A 65 11.48 19.77 17.55
N PHE A 66 12.07 19.67 16.36
CA PHE A 66 13.28 18.89 16.19
C PHE A 66 14.53 19.77 16.29
N LYS A 67 14.37 21.03 16.68
CA LYS A 67 15.52 21.84 17.03
C LYS A 67 15.89 21.57 18.49
N LYS A 68 16.60 20.47 18.68
CA LYS A 68 16.96 19.98 19.99
C LYS A 68 18.49 19.91 20.07
N ASN A 69 18.99 19.86 21.31
CA ASN A 69 20.42 19.96 21.56
C ASN A 69 21.07 18.59 21.53
N TRP A 70 22.39 18.57 21.74
CA TRP A 70 23.19 17.36 21.64
C TRP A 70 22.68 16.28 22.59
N ILE A 71 22.45 16.64 23.86
CA ILE A 71 22.05 15.67 24.86
C ILE A 71 20.64 15.16 24.58
N GLN A 72 19.76 16.03 24.06
CA GLN A 72 18.41 15.62 23.74
C GLN A 72 18.42 14.63 22.58
N TYR A 73 19.23 14.90 21.54
CA TYR A 73 19.38 13.97 20.44
C TYR A 73 20.02 12.66 20.90
N LYS A 74 20.93 12.74 21.88
CA LYS A 74 21.59 11.57 22.43
C LYS A 74 20.59 10.65 23.13
N GLU A 75 19.76 11.25 23.98
CA GLU A 75 18.90 10.52 24.91
C GLU A 75 17.53 10.20 24.29
N GLY A 76 17.13 10.97 23.26
CA GLY A 76 15.84 10.78 22.63
C GLY A 76 14.82 11.81 23.11
N PHE A 77 13.84 12.10 22.26
CA PHE A 77 12.78 13.05 22.58
C PHE A 77 11.54 12.72 21.78
N GLY A 78 10.44 13.40 22.14
CA GLY A 78 9.14 13.14 21.54
C GLY A 78 8.38 12.10 22.33
N HIS A 79 7.40 11.48 21.68
CA HIS A 79 6.50 10.54 22.38
C HIS A 79 6.32 9.26 21.57
N LEU A 80 6.41 8.14 22.27
CA LEU A 80 6.08 6.85 21.71
C LEU A 80 4.60 6.57 21.95
N SER A 81 3.95 5.96 20.96
CA SER A 81 2.53 5.63 21.02
C SER A 81 2.31 4.21 20.54
N PRO A 82 1.36 3.49 21.17
CA PRO A 82 1.01 2.15 20.72
C PRO A 82 0.51 2.12 19.27
N THR A 83 -0.08 3.23 18.82
CA THR A 83 -0.67 3.34 17.49
C THR A 83 0.30 3.81 16.42
N GLY A 84 1.52 4.24 16.82
CA GLY A 84 2.49 4.72 15.84
C GLY A 84 2.04 6.02 15.18
N THR A 85 1.41 6.90 15.95
CA THR A 85 0.84 8.14 15.44
C THR A 85 1.49 9.36 16.09
N THR A 86 2.71 9.21 16.62
CA THR A 86 3.41 10.29 17.29
C THR A 86 4.80 10.46 16.72
N GLU A 87 5.34 11.68 16.92
CA GLU A 87 6.65 12.02 16.44
C GLU A 87 7.70 11.79 17.52
N PHE A 88 8.87 11.29 17.10
CA PHE A 88 9.93 11.06 18.06
C PHE A 88 11.26 10.88 17.34
N TRP A 89 12.31 11.05 18.13
CA TRP A 89 13.66 10.62 17.83
C TRP A 89 14.07 9.67 18.95
N LEU A 90 14.40 8.42 18.62
CA LEU A 90 14.62 7.43 19.67
C LEU A 90 15.79 7.79 20.59
N GLY A 91 16.85 8.37 20.00
CA GLY A 91 18.05 8.70 20.75
C GLY A 91 19.28 8.08 20.10
N ASN A 92 20.31 8.89 19.89
CA ASN A 92 21.52 8.44 19.21
C ASN A 92 22.20 7.29 19.96
N GLU A 93 22.18 7.34 21.29
CA GLU A 93 22.83 6.28 22.06
C GLU A 93 22.11 4.95 21.77
N LYS A 94 20.77 4.95 21.85
CA LYS A 94 19.98 3.76 21.60
C LYS A 94 20.18 3.28 20.15
N ILE A 95 20.22 4.21 19.19
CA ILE A 95 20.37 3.82 17.80
C ILE A 95 21.74 3.17 17.60
N HIS A 96 22.76 3.76 18.23
CA HIS A 96 24.10 3.19 18.24
C HIS A 96 24.07 1.76 18.79
N LEU A 97 23.41 1.57 19.94
CA LEU A 97 23.43 0.28 20.62
C LEU A 97 22.73 -0.78 19.78
N ILE A 98 21.60 -0.41 19.16
CA ILE A 98 20.88 -1.38 18.36
C ILE A 98 21.70 -1.73 17.11
N SER A 99 22.16 -0.70 16.39
CA SER A 99 22.65 -0.88 15.04
C SER A 99 24.04 -1.53 15.00
N THR A 100 24.74 -1.53 16.15
CA THR A 100 26.11 -2.06 16.20
C THR A 100 26.20 -3.38 16.96
N GLN A 101 25.13 -3.87 17.56
CA GLN A 101 25.22 -5.02 18.45
C GLN A 101 25.56 -6.29 17.69
N SER A 102 26.53 -7.04 18.22
CA SER A 102 26.85 -8.37 17.76
C SER A 102 27.21 -8.39 16.27
N ALA A 103 27.59 -7.23 15.71
CA ALA A 103 27.91 -7.10 14.29
C ALA A 103 26.78 -7.59 13.39
N ILE A 104 25.54 -7.55 13.89
CA ILE A 104 24.38 -7.92 13.10
C ILE A 104 24.28 -6.91 11.97
N PRO A 105 24.17 -7.34 10.69
CA PRO A 105 24.05 -6.38 9.59
C PRO A 105 22.60 -5.91 9.53
N TYR A 106 22.40 -4.63 9.83
CA TYR A 106 21.09 -4.01 9.71
C TYR A 106 20.99 -3.26 8.39
N ALA A 107 19.77 -3.21 7.90
CA ALA A 107 19.40 -2.26 6.87
C ALA A 107 18.60 -1.12 7.47
N LEU A 108 18.81 0.08 6.94
CA LEU A 108 17.96 1.22 7.17
C LEU A 108 16.97 1.35 6.02
N ARG A 109 15.69 1.50 6.38
CA ARG A 109 14.71 2.00 5.43
C ARG A 109 14.23 3.38 5.85
N VAL A 110 14.31 4.31 4.89
CA VAL A 110 13.69 5.61 4.95
C VAL A 110 12.39 5.50 4.17
N GLU A 111 11.28 5.86 4.81
CA GLU A 111 9.97 5.84 4.17
C GLU A 111 9.40 7.25 4.26
N LEU A 112 9.02 7.78 3.10
CA LEU A 112 8.57 9.16 3.00
C LEU A 112 7.13 9.15 2.51
N GLU A 113 6.33 10.10 2.99
CA GLU A 113 5.00 10.30 2.45
C GLU A 113 4.87 11.76 2.08
N ASP A 114 4.40 12.01 0.85
CA ASP A 114 4.15 13.36 0.38
C ASP A 114 2.75 13.78 0.81
N TRP A 115 2.32 14.96 0.38
CA TRP A 115 1.04 15.51 0.79
C TRP A 115 -0.08 15.12 -0.17
N ASN A 116 0.18 14.11 -1.02
CA ASN A 116 -0.77 13.64 -2.01
C ASN A 116 -1.06 12.15 -1.83
N GLY A 117 -0.55 11.54 -0.76
CA GLY A 117 -0.86 10.15 -0.44
C GLY A 117 0.12 9.16 -1.08
N ARG A 118 1.25 9.67 -1.57
CA ARG A 118 2.25 8.81 -2.16
C ARG A 118 3.32 8.50 -1.14
N THR A 119 3.74 7.23 -1.08
CA THR A 119 4.84 6.83 -0.23
C THR A 119 5.97 6.35 -1.13
N SER A 120 7.22 6.61 -0.70
CA SER A 120 8.41 6.10 -1.38
C SER A 120 9.39 5.63 -0.31
N THR A 121 10.38 4.82 -0.72
CA THR A 121 11.38 4.31 0.21
C THR A 121 12.78 4.43 -0.38
N ALA A 122 13.75 4.44 0.53
CA ALA A 122 15.16 4.30 0.20
C ALA A 122 15.79 3.39 1.26
N ASP A 123 16.51 2.37 0.80
CA ASP A 123 17.09 1.38 1.68
C ASP A 123 18.61 1.47 1.63
N TYR A 124 19.24 1.31 2.81
CA TYR A 124 20.68 1.39 2.96
C TYR A 124 21.16 0.12 3.66
N ALA A 125 22.09 -0.59 3.02
CA ALA A 125 22.60 -1.85 3.55
C ALA A 125 23.74 -1.58 4.53
N MET A 126 23.78 -2.38 5.62
CA MET A 126 24.83 -2.37 6.62
C MET A 126 24.94 -0.98 7.26
N PHE A 127 23.77 -0.49 7.71
CA PHE A 127 23.64 0.80 8.37
C PHE A 127 24.11 0.70 9.82
N LYS A 128 24.95 1.67 10.22
CA LYS A 128 25.46 1.73 11.57
CA LYS A 128 25.44 1.76 11.59
C LYS A 128 25.58 3.19 12.01
N VAL A 129 25.36 3.39 13.32
CA VAL A 129 25.64 4.65 13.97
C VAL A 129 26.72 4.38 15.01
N GLY A 130 27.82 5.14 14.93
CA GLY A 130 28.96 4.91 15.80
C GLY A 130 28.74 5.46 17.20
N PRO A 131 29.76 5.34 18.09
CA PRO A 131 29.63 5.79 19.48
C PRO A 131 29.71 7.30 19.60
N GLU A 132 29.37 7.79 20.79
CA GLU A 132 29.45 9.21 21.06
C GLU A 132 30.87 9.73 20.87
N ALA A 133 31.87 8.87 21.11
CA ALA A 133 33.27 9.24 20.96
C ALA A 133 33.57 9.66 19.52
N ASP A 134 32.78 9.16 18.57
CA ASP A 134 32.97 9.50 17.16
C ASP A 134 31.74 10.26 16.66
N LYS A 135 31.09 10.99 17.58
CA LYS A 135 29.97 11.87 17.28
C LYS A 135 28.87 11.15 16.51
N TYR A 136 28.60 9.89 16.87
CA TYR A 136 27.46 9.14 16.34
C TYR A 136 27.51 9.12 14.82
N ARG A 137 28.70 8.83 14.27
CA ARG A 137 28.91 8.87 12.84
C ARG A 137 27.98 7.87 12.15
N LEU A 138 27.36 8.30 11.05
N LEU A 138 27.40 8.29 11.03
CA LEU A 138 26.55 7.43 10.21
CA LEU A 138 26.55 7.43 10.21
C LEU A 138 27.45 6.73 9.20
C LEU A 138 27.40 6.73 9.16
N THR A 139 27.30 5.41 9.07
CA THR A 139 27.92 4.70 7.95
C THR A 139 26.94 3.70 7.36
N TYR A 140 27.13 3.38 6.08
CA TYR A 140 26.43 2.30 5.41
C TYR A 140 27.33 1.75 4.32
N ALA A 141 27.08 0.53 3.88
CA ALA A 141 27.90 -0.10 2.85
C ALA A 141 27.46 0.40 1.48
N TYR A 142 26.17 0.36 1.20
CA TYR A 142 25.68 0.76 -0.10
C TYR A 142 24.19 1.08 -0.04
N PHE A 143 23.74 1.89 -1.01
CA PHE A 143 22.33 2.09 -1.27
C PHE A 143 21.76 0.83 -1.92
N ALA A 144 20.72 0.27 -1.30
CA ALA A 144 20.15 -1.00 -1.73
C ALA A 144 18.91 -0.81 -2.60
N GLY A 145 18.50 0.43 -2.86
CA GLY A 145 17.43 0.68 -3.82
C GLY A 145 16.21 1.36 -3.20
N GLY A 146 15.27 1.74 -4.05
CA GLY A 146 14.01 2.34 -3.64
C GLY A 146 13.66 3.58 -4.44
N ASP A 147 12.36 3.80 -4.62
CA ASP A 147 11.84 4.83 -5.52
C ASP A 147 12.07 6.24 -4.98
N ALA A 148 12.46 6.37 -3.71
CA ALA A 148 12.77 7.68 -3.16
C ALA A 148 14.13 8.15 -3.67
N GLY A 149 14.95 7.20 -4.11
CA GLY A 149 16.26 7.55 -4.61
C GLY A 149 17.27 7.71 -3.48
N ASP A 150 18.55 7.86 -3.86
CA ASP A 150 19.65 7.78 -2.92
C ASP A 150 20.12 9.17 -2.51
N ALA A 151 19.36 9.85 -1.64
CA ALA A 151 19.75 11.18 -1.22
C ALA A 151 21.04 11.18 -0.39
N PHE A 152 21.35 10.07 0.30
CA PHE A 152 22.56 10.03 1.09
C PHE A 152 23.83 10.06 0.24
N ASP A 153 23.70 9.83 -1.08
CA ASP A 153 24.86 9.90 -1.97
C ASP A 153 25.21 11.35 -2.30
N GLY A 154 24.38 12.29 -1.83
CA GLY A 154 24.51 13.68 -2.25
C GLY A 154 23.74 13.94 -3.54
N PHE A 155 23.50 15.22 -3.85
CA PHE A 155 22.66 15.56 -4.99
C PHE A 155 23.28 16.72 -5.78
N ASP A 156 23.11 16.66 -7.11
CA ASP A 156 23.53 17.72 -8.01
C ASP A 156 22.48 18.84 -8.00
N PHE A 157 22.65 19.78 -7.06
CA PHE A 157 21.71 20.89 -6.89
C PHE A 157 21.89 21.94 -7.97
N GLY A 158 23.14 22.14 -8.43
CA GLY A 158 23.41 23.07 -9.52
C GLY A 158 24.14 24.32 -9.03
N ASP A 159 24.12 24.55 -7.71
CA ASP A 159 24.74 25.72 -7.13
C ASP A 159 26.25 25.72 -7.40
N ASP A 160 26.83 24.52 -7.58
CA ASP A 160 28.27 24.36 -7.78
C ASP A 160 28.62 22.90 -8.08
N PRO A 161 29.71 22.60 -8.84
CA PRO A 161 30.18 21.20 -9.01
C PRO A 161 30.68 20.42 -7.81
N SER A 162 30.88 21.06 -6.65
CA SER A 162 31.23 20.33 -5.44
C SER A 162 29.98 19.95 -4.65
N ASP A 163 28.78 20.31 -5.15
CA ASP A 163 27.54 20.13 -4.40
C ASP A 163 27.36 18.68 -3.93
N LYS A 164 27.62 17.69 -4.81
CA LYS A 164 27.33 16.30 -4.51
C LYS A 164 28.24 15.81 -3.39
N PHE A 165 29.54 16.09 -3.54
CA PHE A 165 30.51 15.76 -2.52
C PHE A 165 30.12 16.42 -1.20
N PHE A 166 29.51 17.61 -1.28
CA PHE A 166 29.21 18.37 -0.08
C PHE A 166 27.82 18.07 0.47
N THR A 167 27.00 17.28 -0.23
CA THR A 167 25.65 17.03 0.27
C THR A 167 25.44 15.54 0.54
N SER A 168 26.52 14.75 0.47
CA SER A 168 26.44 13.33 0.78
C SER A 168 26.51 13.12 2.30
N HIS A 169 26.00 11.97 2.78
CA HIS A 169 25.83 11.76 4.21
C HIS A 169 26.62 10.58 4.77
N ASN A 170 27.12 9.69 3.90
CA ASN A 170 27.87 8.55 4.38
C ASN A 170 29.16 9.03 5.05
N GLY A 171 29.39 8.54 6.27
CA GLY A 171 30.58 8.88 7.02
C GLY A 171 30.51 10.23 7.71
N MET A 172 29.33 10.88 7.69
CA MET A 172 29.19 12.15 8.37
C MET A 172 28.94 11.92 9.87
N GLN A 173 29.58 12.75 10.69
CA GLN A 173 29.27 12.82 12.11
C GLN A 173 27.92 13.51 12.32
N PHE A 174 27.35 13.32 13.51
CA PHE A 174 26.08 13.97 13.83
C PHE A 174 26.38 15.39 14.34
N SER A 175 25.51 16.34 13.99
CA SER A 175 25.61 17.72 14.47
C SER A 175 24.29 18.18 15.10
N THR A 176 24.41 18.96 16.17
CA THR A 176 23.33 19.77 16.70
C THR A 176 23.81 21.23 16.77
N TRP A 177 22.90 22.15 17.09
CA TRP A 177 23.26 23.56 17.10
C TRP A 177 24.41 23.82 18.08
N ASP A 178 24.44 23.05 19.19
CA ASP A 178 25.44 23.21 20.24
C ASP A 178 26.58 22.19 20.15
N ASN A 179 26.71 21.50 19.00
CA ASN A 179 27.74 20.50 18.79
C ASN A 179 27.93 20.32 17.27
N ASP A 180 28.74 21.21 16.68
CA ASP A 180 28.94 21.32 15.25
C ASP A 180 30.08 20.41 14.81
N ASN A 181 29.74 19.36 14.04
CA ASN A 181 30.72 18.40 13.55
C ASN A 181 30.59 18.24 12.05
N ASP A 182 30.12 19.31 11.37
CA ASP A 182 29.85 19.28 9.95
C ASP A 182 31.12 19.65 9.17
N LYS A 183 30.99 19.73 7.84
CA LYS A 183 32.10 20.03 6.95
C LYS A 183 31.96 21.44 6.37
N PHE A 184 31.27 22.31 7.13
CA PHE A 184 31.00 23.69 6.73
C PHE A 184 31.68 24.64 7.72
N GLU A 185 32.18 25.78 7.22
CA GLU A 185 32.74 26.81 8.07
C GLU A 185 31.68 27.38 9.00
N GLY A 186 30.44 27.41 8.52
CA GLY A 186 29.29 27.79 9.33
C GLY A 186 28.71 26.57 10.04
N ASN A 187 27.50 26.73 10.58
CA ASN A 187 26.89 25.76 11.46
C ASN A 187 25.58 25.29 10.83
N CYS A 188 25.65 24.18 10.09
CA CYS A 188 24.53 23.65 9.35
C CYS A 188 23.34 23.42 10.28
N ALA A 189 23.58 22.78 11.43
CA ALA A 189 22.49 22.37 12.31
C ALA A 189 21.77 23.58 12.88
N GLU A 190 22.55 24.61 13.22
CA GLU A 190 21.99 25.84 13.76
C GLU A 190 21.18 26.55 12.69
N GLN A 191 21.72 26.62 11.47
CA GLN A 191 21.08 27.34 10.38
C GLN A 191 19.77 26.67 9.99
N ASP A 192 19.78 25.33 9.87
CA ASP A 192 18.65 24.59 9.35
C ASP A 192 17.74 24.10 10.47
N GLY A 193 18.15 24.32 11.74
CA GLY A 193 17.29 24.12 12.90
C GLY A 193 16.98 22.64 13.20
N SER A 194 17.99 21.78 13.09
CA SER A 194 17.82 20.34 13.26
C SER A 194 19.00 19.73 14.00
N GLY A 195 18.90 18.44 14.28
CA GLY A 195 20.04 17.58 14.54
C GLY A 195 20.13 16.57 13.42
N TRP A 196 21.32 16.42 12.82
CA TRP A 196 21.43 15.60 11.62
C TRP A 196 22.90 15.32 11.32
N TRP A 197 23.12 14.34 10.43
CA TRP A 197 24.44 14.03 9.91
C TRP A 197 24.79 15.00 8.78
N MET A 198 25.16 16.23 9.16
CA MET A 198 25.37 17.32 8.22
C MET A 198 26.76 17.24 7.58
N ASN A 199 26.82 17.63 6.30
CA ASN A 199 28.02 17.76 5.50
C ASN A 199 28.20 19.25 5.23
N LYS A 200 27.78 19.74 4.06
CA LYS A 200 27.77 21.17 3.75
C LYS A 200 26.67 21.47 2.74
N CYS A 201 25.39 21.29 3.12
CA CYS A 201 24.93 20.77 4.40
C CYS A 201 24.22 19.42 4.24
N HIS A 202 23.29 19.31 3.29
CA HIS A 202 22.52 18.07 3.18
C HIS A 202 21.79 17.95 1.85
N ALA A 203 21.49 16.69 1.49
CA ALA A 203 20.57 16.38 0.41
C ALA A 203 19.33 15.65 0.93
N GLY A 204 19.50 15.00 2.10
CA GLY A 204 18.39 14.39 2.81
C GLY A 204 18.38 14.95 4.22
N HIS A 205 17.21 15.30 4.75
CA HIS A 205 17.16 16.09 5.97
C HIS A 205 15.84 15.84 6.69
N LEU A 206 15.69 14.67 7.32
CA LEU A 206 14.39 14.26 7.79
C LEU A 206 14.03 14.86 9.15
N ASN A 207 14.99 15.51 9.81
CA ASN A 207 14.76 16.16 11.09
C ASN A 207 14.55 17.66 10.92
N GLY A 208 14.20 18.09 9.70
CA GLY A 208 14.03 19.50 9.38
C GLY A 208 12.71 20.07 9.88
N VAL A 209 12.43 21.31 9.47
CA VAL A 209 11.24 22.03 9.90
C VAL A 209 10.02 21.49 9.16
N TYR A 210 8.93 21.35 9.91
CA TYR A 210 7.68 20.85 9.37
C TYR A 210 6.92 21.99 8.71
N TYR A 211 6.88 21.96 7.37
CA TYR A 211 6.09 22.89 6.59
C TYR A 211 4.79 22.22 6.15
N GLN A 212 3.68 22.84 6.56
N GLN A 212 3.68 22.84 6.53
CA GLN A 212 2.37 22.32 6.20
CA GLN A 212 2.37 22.31 6.19
C GLN A 212 2.16 22.43 4.68
C GLN A 212 2.12 22.45 4.68
N GLY A 213 1.65 21.36 4.06
CA GLY A 213 1.27 21.40 2.65
C GLY A 213 2.42 21.06 1.70
N GLY A 214 3.63 20.88 2.25
CA GLY A 214 4.78 20.45 1.46
C GLY A 214 5.55 21.63 0.86
N THR A 215 4.88 22.38 -0.03
CA THR A 215 5.56 23.45 -0.74
C THR A 215 5.94 24.56 0.26
N TYR A 216 7.21 24.99 0.19
CA TYR A 216 7.71 26.20 0.82
C TYR A 216 8.72 26.79 -0.15
N SER A 217 9.36 27.90 0.21
CA SER A 217 10.32 28.53 -0.67
C SER A 217 11.27 29.33 0.21
N LYS A 218 12.30 29.88 -0.44
CA LYS A 218 13.37 30.58 0.24
C LYS A 218 12.79 31.65 1.15
N ALA A 219 11.75 32.35 0.67
CA ALA A 219 11.17 33.46 1.41
C ALA A 219 10.59 32.98 2.74
N SER A 220 10.29 31.68 2.84
CA SER A 220 9.70 31.08 4.03
C SER A 220 10.74 30.88 5.14
N THR A 221 12.03 30.94 4.78
CA THR A 221 13.06 30.55 5.71
C THR A 221 13.74 31.83 6.20
N PRO A 222 14.25 31.86 7.45
CA PRO A 222 14.89 33.06 7.97
C PRO A 222 16.28 33.24 7.36
N ASN A 223 16.91 32.13 6.94
CA ASN A 223 18.29 32.15 6.52
C ASN A 223 18.40 32.07 4.99
N GLY A 224 17.30 31.68 4.32
CA GLY A 224 17.28 31.54 2.87
C GLY A 224 17.69 30.14 2.39
N TYR A 225 17.86 29.21 3.32
CA TYR A 225 18.25 27.86 2.91
C TYR A 225 17.09 26.90 3.14
N ASP A 226 17.13 25.79 2.40
CA ASP A 226 16.14 24.74 2.46
C ASP A 226 16.33 23.98 3.79
N ASN A 227 15.42 24.21 4.73
CA ASN A 227 15.55 23.62 6.05
C ASN A 227 14.38 22.71 6.39
N GLY A 228 13.58 22.37 5.37
CA GLY A 228 12.43 21.50 5.52
C GLY A 228 12.83 20.03 5.61
N ILE A 229 11.81 19.17 5.59
CA ILE A 229 11.99 17.74 5.65
C ILE A 229 12.18 17.25 4.22
N ILE A 230 13.43 17.28 3.76
CA ILE A 230 13.72 17.11 2.34
C ILE A 230 14.37 15.77 2.05
N TRP A 231 14.19 15.34 0.80
CA TRP A 231 14.86 14.18 0.25
C TRP A 231 15.01 14.44 -1.24
N ALA A 232 16.17 15.00 -1.60
CA ALA A 232 16.32 15.71 -2.86
C ALA A 232 16.18 14.82 -4.09
N THR A 233 16.40 13.51 -3.94
CA THR A 233 16.28 12.60 -5.06
C THR A 233 14.81 12.25 -5.35
N TRP A 234 13.87 12.66 -4.48
CA TRP A 234 12.46 12.37 -4.68
C TRP A 234 11.69 13.64 -5.01
N LYS A 235 11.96 14.71 -4.26
CA LYS A 235 11.25 15.96 -4.43
C LYS A 235 12.25 17.11 -4.34
N THR A 236 11.85 18.25 -4.89
CA THR A 236 12.66 19.46 -4.79
C THR A 236 12.97 19.74 -3.32
N ARG A 237 14.07 20.46 -3.11
CA ARG A 237 14.45 20.90 -1.78
C ARG A 237 13.40 21.84 -1.17
N TRP A 238 12.49 22.37 -2.00
CA TRP A 238 11.44 23.26 -1.52
C TRP A 238 10.14 22.50 -1.32
N TYR A 239 10.27 21.20 -1.07
CA TYR A 239 9.13 20.37 -0.74
C TYR A 239 9.48 19.57 0.50
N SER A 240 8.62 19.73 1.51
CA SER A 240 8.83 19.16 2.83
C SER A 240 7.82 18.03 3.03
N MET A 241 8.32 16.86 3.44
CA MET A 241 7.47 15.68 3.49
C MET A 241 6.36 15.83 4.53
N LYS A 242 5.27 15.11 4.31
CA LYS A 242 4.20 15.05 5.30
C LYS A 242 4.52 14.08 6.44
N LYS A 243 5.09 12.92 6.10
CA LYS A 243 5.48 11.93 7.09
C LYS A 243 6.83 11.37 6.68
N THR A 244 7.61 11.01 7.71
CA THR A 244 8.83 10.26 7.51
C THR A 244 8.89 9.16 8.56
N THR A 245 9.59 8.07 8.19
CA THR A 245 9.93 7.01 9.12
C THR A 245 11.36 6.61 8.82
N MET A 246 12.18 6.48 9.87
CA MET A 246 13.48 5.84 9.73
C MET A 246 13.44 4.61 10.62
N LYS A 247 13.72 3.45 10.02
CA LYS A 247 13.57 2.19 10.74
C LYS A 247 14.60 1.19 10.26
N ILE A 248 14.95 0.24 11.15
CA ILE A 248 16.01 -0.70 10.84
C ILE A 248 15.55 -2.13 11.10
N ILE A 249 16.17 -3.03 10.33
CA ILE A 249 15.83 -4.43 10.37
C ILE A 249 17.07 -5.20 9.95
N PRO A 250 17.32 -6.42 10.45
CA PRO A 250 18.40 -7.23 9.92
C PRO A 250 18.28 -7.35 8.39
N PHE A 251 19.43 -7.23 7.72
CA PHE A 251 19.48 -7.07 6.28
C PHE A 251 18.79 -8.22 5.52
N ASN A 252 18.90 -9.44 6.06
CA ASN A 252 18.32 -10.61 5.42
C ASN A 252 16.80 -10.54 5.29
N ARG A 253 16.15 -9.65 6.05
CA ARG A 253 14.70 -9.49 5.95
C ARG A 253 14.34 -8.72 4.68
N LEU A 254 15.30 -8.02 4.06
CA LEU A 254 15.08 -7.46 2.72
C LEU A 254 15.23 -8.64 1.75
N GLY B 1 20.34 21.44 1.52
CA GLY B 1 20.96 21.93 0.28
C GLY B 1 22.45 22.20 0.51
N PRO B 2 23.13 22.70 -0.53
CA PRO B 2 24.55 23.00 -0.43
C PRO B 2 24.76 24.39 0.17
N ARG B 3 26.01 24.84 0.13
CA ARG B 3 26.33 26.19 0.60
C ARG B 3 27.24 26.88 -0.42
N PRO B 4 27.17 28.23 -0.56
CA PRO B 4 28.14 28.95 -1.37
C PRO B 4 29.49 28.88 -0.66
N ILE C 7 4.87 2.17 -13.90
CA ILE C 7 3.90 2.74 -12.93
C ILE C 7 3.87 4.26 -13.11
N HIS C 8 2.67 4.81 -13.34
CA HIS C 8 2.52 6.23 -13.60
C HIS C 8 2.64 7.01 -12.28
N ASP C 9 2.79 8.35 -12.38
CA ASP C 9 3.11 9.17 -11.22
C ASP C 9 1.90 9.92 -10.63
N ILE C 10 0.91 10.30 -11.45
CA ILE C 10 -0.31 10.90 -10.90
C ILE C 10 -0.94 9.88 -9.95
N THR C 11 -1.47 10.34 -8.83
CA THR C 11 -2.08 9.48 -7.83
C THR C 11 -3.41 10.06 -7.35
N GLY C 12 -4.16 9.29 -6.56
CA GLY C 12 -5.42 9.76 -6.01
C GLY C 12 -6.14 8.66 -5.24
N LYS C 13 -7.42 8.89 -4.93
CA LYS C 13 -8.15 7.98 -4.06
C LYS C 13 -8.71 6.81 -4.87
N ASP C 14 -8.82 6.99 -6.19
CA ASP C 14 -9.31 6.00 -7.11
C ASP C 14 -8.87 6.46 -8.50
N CYS C 15 -9.19 5.68 -9.53
CA CYS C 15 -8.79 6.02 -10.88
C CYS C 15 -9.51 7.25 -11.45
N GLN C 16 -10.69 7.57 -10.91
CA GLN C 16 -11.37 8.76 -11.39
C GLN C 16 -10.69 10.03 -10.87
N ASP C 17 -10.25 9.99 -9.61
CA ASP C 17 -9.46 11.08 -9.05
C ASP C 17 -8.24 11.32 -9.94
N ILE C 18 -7.62 10.22 -10.38
CA ILE C 18 -6.44 10.27 -11.24
C ILE C 18 -6.79 10.90 -12.60
N ALA C 19 -7.91 10.49 -13.21
CA ALA C 19 -8.34 11.07 -14.47
C ALA C 19 -8.66 12.55 -14.26
N ASN C 20 -9.22 12.89 -13.09
CA ASN C 20 -9.61 14.26 -12.78
C ASN C 20 -8.39 15.17 -12.67
N LYS C 21 -7.21 14.59 -12.45
CA LYS C 21 -5.99 15.37 -12.41
C LYS C 21 -5.25 15.32 -13.74
N GLY C 22 -5.90 14.75 -14.76
CA GLY C 22 -5.48 14.94 -16.14
C GLY C 22 -4.76 13.74 -16.73
N ALA C 23 -4.72 12.62 -15.99
CA ALA C 23 -4.14 11.40 -16.54
C ALA C 23 -5.02 10.94 -17.70
N LYS C 24 -4.39 10.55 -18.81
CA LYS C 24 -5.12 10.12 -19.99
C LYS C 24 -4.80 8.68 -20.38
N GLN C 25 -3.76 8.10 -19.85
CA GLN C 25 -3.30 6.79 -20.29
C GLN C 25 -3.75 5.69 -19.32
N SER C 26 -4.38 4.69 -19.88
CA SER C 26 -4.68 3.49 -19.12
C SER C 26 -3.37 2.84 -18.72
N GLY C 27 -3.36 2.24 -17.51
CA GLY C 27 -2.19 1.53 -17.05
C GLY C 27 -2.19 1.45 -15.53
N LEU C 28 -0.99 1.26 -14.97
CA LEU C 28 -0.84 1.02 -13.54
C LEU C 28 -0.55 2.33 -12.82
N TYR C 29 -1.30 2.54 -11.75
CA TYR C 29 -1.19 3.71 -10.90
C TYR C 29 -1.29 3.24 -9.46
N PHE C 30 -0.68 4.01 -8.55
CA PHE C 30 -0.94 3.88 -7.14
C PHE C 30 -2.16 4.71 -6.76
N ILE C 31 -3.03 4.12 -5.94
CA ILE C 31 -4.11 4.85 -5.30
C ILE C 31 -4.01 4.60 -3.81
N LYS C 32 -4.65 5.49 -3.05
CA LYS C 32 -4.72 5.32 -1.61
C LYS C 32 -6.08 5.81 -1.14
N PRO C 33 -7.08 4.92 -1.05
CA PRO C 33 -8.38 5.25 -0.50
C PRO C 33 -8.29 5.75 0.94
N LEU C 34 -9.38 6.33 1.41
CA LEU C 34 -9.43 7.06 2.67
C LEU C 34 -8.81 6.26 3.80
N LYS C 35 -9.20 5.01 3.98
CA LYS C 35 -8.83 4.28 5.20
C LYS C 35 -7.78 3.20 4.92
N ALA C 36 -7.14 3.22 3.76
CA ALA C 36 -6.09 2.26 3.44
C ALA C 36 -4.86 2.55 4.29
N ASN C 37 -4.23 1.49 4.81
CA ASN C 37 -3.02 1.63 5.60
C ASN C 37 -1.87 2.09 4.71
N GLN C 38 -1.91 1.65 3.45
CA GLN C 38 -0.88 1.94 2.47
C GLN C 38 -1.49 2.09 1.08
N GLN C 39 -0.84 2.88 0.23
CA GLN C 39 -1.18 2.92 -1.17
C GLN C 39 -1.04 1.52 -1.75
N PHE C 40 -1.66 1.33 -2.90
CA PHE C 40 -1.54 0.06 -3.61
C PHE C 40 -1.75 0.30 -5.10
N LEU C 41 -1.20 -0.62 -5.90
N LEU C 41 -1.19 -0.62 -5.89
CA LEU C 41 -1.26 -0.52 -7.34
CA LEU C 41 -1.28 -0.54 -7.34
C LEU C 41 -2.63 -1.01 -7.82
C LEU C 41 -2.66 -0.99 -7.80
N VAL C 42 -3.17 -0.30 -8.82
CA VAL C 42 -4.37 -0.72 -9.52
C VAL C 42 -4.13 -0.50 -11.00
N TYR C 43 -4.94 -1.19 -11.80
CA TYR C 43 -5.05 -0.90 -13.21
C TYR C 43 -6.23 0.07 -13.41
N CYS C 44 -5.91 1.23 -14.00
CA CYS C 44 -6.91 2.22 -14.38
C CYS C 44 -7.15 2.17 -15.88
N GLU C 45 -8.43 2.05 -16.24
CA GLU C 45 -8.84 2.23 -17.62
C GLU C 45 -9.33 3.66 -17.75
N ILE C 46 -8.64 4.45 -18.57
CA ILE C 46 -9.02 5.84 -18.76
C ILE C 46 -9.39 6.03 -20.23
N ASP C 47 -10.63 6.48 -20.46
CA ASP C 47 -11.16 6.61 -21.80
C ASP C 47 -10.88 8.03 -22.30
N GLY C 48 -11.38 8.33 -23.51
CA GLY C 48 -11.16 9.62 -24.12
C GLY C 48 -12.24 10.64 -23.75
N SER C 49 -12.99 10.35 -22.69
CA SER C 49 -14.00 11.26 -22.15
C SER C 49 -13.69 11.61 -20.69
N GLY C 50 -12.47 11.27 -20.23
CA GLY C 50 -12.01 11.61 -18.89
C GLY C 50 -12.57 10.72 -17.79
N ASN C 51 -13.14 9.57 -18.18
CA ASN C 51 -13.62 8.58 -17.22
C ASN C 51 -12.45 7.67 -16.84
N GLY C 52 -12.22 7.54 -15.53
CA GLY C 52 -11.19 6.68 -14.98
C GLY C 52 -11.82 5.53 -14.19
N TRP C 53 -11.83 4.34 -14.78
CA TRP C 53 -12.36 3.14 -14.13
C TRP C 53 -11.26 2.46 -13.33
N THR C 54 -11.59 2.03 -12.11
CA THR C 54 -10.69 1.21 -11.33
C THR C 54 -11.10 -0.26 -11.54
N VAL C 55 -10.21 -1.04 -12.15
CA VAL C 55 -10.55 -2.43 -12.46
C VAL C 55 -10.19 -3.29 -11.26
N PHE C 56 -11.12 -4.15 -10.82
CA PHE C 56 -10.82 -5.04 -9.70
C PHE C 56 -10.85 -6.53 -10.05
N GLN C 57 -11.31 -6.88 -11.25
CA GLN C 57 -11.28 -8.26 -11.70
C GLN C 57 -11.09 -8.27 -13.21
N LYS C 58 -10.25 -9.20 -13.70
CA LYS C 58 -10.07 -9.40 -15.13
C LYS C 58 -9.88 -10.89 -15.38
N ARG C 59 -10.62 -11.39 -16.37
CA ARG C 59 -10.40 -12.72 -16.94
C ARG C 59 -10.20 -12.52 -18.44
N LEU C 60 -9.30 -13.32 -19.05
CA LEU C 60 -9.11 -13.22 -20.48
C LEU C 60 -8.38 -14.41 -21.11
N ASP C 61 -7.87 -15.37 -20.33
CA ASP C 61 -7.10 -16.43 -20.98
C ASP C 61 -6.94 -17.71 -20.16
N GLY C 62 -7.44 -17.77 -18.92
CA GLY C 62 -7.30 -18.99 -18.13
C GLY C 62 -5.94 -19.16 -17.47
N SER C 63 -5.12 -18.09 -17.42
CA SER C 63 -3.78 -18.15 -16.86
C SER C 63 -3.74 -18.27 -15.33
N VAL C 64 -4.82 -17.88 -14.65
CA VAL C 64 -4.86 -17.83 -13.19
C VAL C 64 -5.96 -18.74 -12.68
N ASP C 65 -5.64 -19.57 -11.68
CA ASP C 65 -6.65 -20.41 -11.04
C ASP C 65 -7.42 -19.55 -10.05
N PHE C 66 -8.75 -19.47 -10.19
CA PHE C 66 -9.57 -18.67 -9.31
C PHE C 66 -10.12 -19.50 -8.15
N LYS C 67 -9.73 -20.78 -8.06
CA LYS C 67 -10.00 -21.53 -6.84
C LYS C 67 -8.94 -21.17 -5.80
N LYS C 68 -9.19 -20.08 -5.09
CA LYS C 68 -8.27 -19.53 -4.10
C LYS C 68 -9.01 -19.40 -2.78
N ASN C 69 -8.24 -19.28 -1.70
CA ASN C 69 -8.79 -19.31 -0.36
C ASN C 69 -9.17 -17.92 0.11
N TRP C 70 -9.66 -17.86 1.35
CA TRP C 70 -10.18 -16.63 1.92
C TRP C 70 -9.12 -15.52 1.94
N ILE C 71 -7.93 -15.84 2.44
CA ILE C 71 -6.91 -14.83 2.58
C ILE C 71 -6.44 -14.38 1.18
N GLN C 72 -6.36 -15.32 0.22
CA GLN C 72 -5.97 -14.95 -1.13
C GLN C 72 -6.99 -14.01 -1.78
N TYR C 73 -8.27 -14.31 -1.57
CA TYR C 73 -9.30 -13.42 -2.07
C TYR C 73 -9.31 -12.09 -1.31
N LYS C 74 -8.97 -12.13 -0.01
CA LYS C 74 -8.88 -10.90 0.77
C LYS C 74 -7.78 -9.97 0.25
N GLU C 75 -6.60 -10.55 0.00
CA GLU C 75 -5.40 -9.77 -0.30
C GLU C 75 -5.18 -9.53 -1.79
N GLY C 76 -5.80 -10.35 -2.64
CA GLY C 76 -5.68 -10.22 -4.08
C GLY C 76 -4.67 -11.24 -4.61
N PHE C 77 -4.88 -11.61 -5.86
CA PHE C 77 -4.01 -12.58 -6.53
C PHE C 77 -4.03 -12.32 -8.03
N GLY C 78 -3.12 -12.99 -8.74
CA GLY C 78 -2.97 -12.75 -10.16
C GLY C 78 -1.91 -11.68 -10.40
N HIS C 79 -1.87 -11.12 -11.60
CA HIS C 79 -0.83 -10.14 -11.91
C HIS C 79 -1.44 -8.91 -12.57
N LEU C 80 -0.89 -7.74 -12.20
CA LEU C 80 -1.24 -6.50 -12.85
C LEU C 80 -0.25 -6.25 -13.99
N SER C 81 -0.73 -5.65 -15.08
CA SER C 81 0.10 -5.39 -16.24
C SER C 81 -0.23 -4.01 -16.80
N PRO C 82 0.77 -3.23 -17.27
CA PRO C 82 0.51 -1.94 -17.92
C PRO C 82 -0.44 -1.99 -19.10
N THR C 83 -0.46 -3.13 -19.80
CA THR C 83 -1.25 -3.29 -21.01
C THR C 83 -2.64 -3.82 -20.70
N GLY C 84 -2.93 -4.17 -19.44
CA GLY C 84 -4.24 -4.70 -19.09
C GLY C 84 -4.52 -6.05 -19.77
N THR C 85 -3.48 -6.89 -19.86
CA THR C 85 -3.60 -8.16 -20.56
C THR C 85 -3.37 -9.35 -19.63
N THR C 86 -3.59 -9.14 -18.34
CA THR C 86 -3.41 -10.20 -17.35
C THR C 86 -4.65 -10.37 -16.49
N GLU C 87 -4.76 -11.56 -15.90
CA GLU C 87 -5.87 -11.92 -15.04
C GLU C 87 -5.54 -11.61 -13.59
N PHE C 88 -6.54 -11.13 -12.85
CA PHE C 88 -6.33 -10.84 -11.44
C PHE C 88 -7.66 -10.65 -10.72
N TRP C 89 -7.56 -10.78 -9.40
CA TRP C 89 -8.54 -10.32 -8.44
C TRP C 89 -7.83 -9.32 -7.53
N LEU C 90 -8.34 -8.09 -7.47
CA LEU C 90 -7.59 -7.04 -6.80
C LEU C 90 -7.44 -7.34 -5.31
N GLY C 91 -8.51 -7.92 -4.72
CA GLY C 91 -8.50 -8.20 -3.30
C GLY C 91 -9.72 -7.58 -2.62
N ASN C 92 -10.44 -8.38 -1.83
CA ASN C 92 -11.67 -7.92 -1.20
C ASN C 92 -11.41 -6.73 -0.28
N GLU C 93 -10.27 -6.72 0.43
CA GLU C 93 -10.02 -5.59 1.31
C GLU C 93 -9.87 -4.30 0.53
N LYS C 94 -9.08 -4.33 -0.56
CA LYS C 94 -8.93 -3.19 -1.44
C LYS C 94 -10.27 -2.76 -2.04
N ILE C 95 -11.09 -3.73 -2.46
CA ILE C 95 -12.37 -3.40 -3.09
C ILE C 95 -13.29 -2.74 -2.05
N HIS C 96 -13.29 -3.27 -0.82
CA HIS C 96 -14.04 -2.68 0.28
C HIS C 96 -13.58 -1.24 0.52
N LEU C 97 -12.26 -1.04 0.60
CA LEU C 97 -11.73 0.29 0.90
C LEU C 97 -12.06 1.29 -0.20
N ILE C 98 -11.98 0.88 -1.46
CA ILE C 98 -12.27 1.83 -2.53
C ILE C 98 -13.77 2.15 -2.56
N SER C 99 -14.61 1.11 -2.51
CA SER C 99 -16.02 1.25 -2.80
C SER C 99 -16.80 1.90 -1.66
N THR C 100 -16.22 1.98 -0.45
CA THR C 100 -16.93 2.54 0.70
C THR C 100 -16.36 3.88 1.15
N GLN C 101 -15.29 4.37 0.50
CA GLN C 101 -14.61 5.55 1.04
C GLN C 101 -15.47 6.81 0.91
N SER C 102 -15.56 7.56 2.01
CA SER C 102 -16.18 8.87 2.00
C SER C 102 -17.63 8.83 1.50
N ALA C 103 -18.27 7.65 1.58
CA ALA C 103 -19.61 7.44 1.04
C ALA C 103 -19.75 7.91 -0.41
N ILE C 104 -18.66 7.88 -1.17
CA ILE C 104 -18.72 8.20 -2.59
C ILE C 104 -19.59 7.14 -3.25
N PRO C 105 -20.61 7.53 -4.05
CA PRO C 105 -21.43 6.53 -4.75
C PRO C 105 -20.65 6.05 -5.96
N TYR C 106 -20.36 4.75 -5.99
CA TYR C 106 -19.72 4.13 -7.12
C TYR C 106 -20.73 3.32 -7.90
N ALA C 107 -20.46 3.22 -9.20
CA ALA C 107 -21.11 2.25 -10.07
C ALA C 107 -20.14 1.12 -10.35
N LEU C 108 -20.67 -0.10 -10.39
CA LEU C 108 -19.97 -1.24 -10.94
C LEU C 108 -20.39 -1.44 -12.38
N ARG C 109 -19.39 -1.63 -13.26
CA ARG C 109 -19.66 -2.14 -14.60
C ARG C 109 -19.02 -3.52 -14.73
N VAL C 110 -19.86 -4.46 -15.14
CA VAL C 110 -19.45 -5.78 -15.59
C VAL C 110 -19.41 -5.72 -17.11
N GLU C 111 -18.26 -6.11 -17.68
CA GLU C 111 -18.14 -6.21 -19.13
C GLU C 111 -17.75 -7.65 -19.48
N LEU C 112 -18.50 -8.22 -20.42
CA LEU C 112 -18.33 -9.61 -20.79
C LEU C 112 -17.96 -9.67 -22.27
N GLU C 113 -17.13 -10.65 -22.63
CA GLU C 113 -16.88 -10.96 -24.03
C GLU C 113 -17.04 -12.47 -24.24
N ASP C 114 -17.80 -12.84 -25.28
CA ASP C 114 -17.97 -14.24 -25.65
C ASP C 114 -16.84 -14.64 -26.60
N TRP C 115 -16.90 -15.89 -27.07
CA TRP C 115 -15.84 -16.46 -27.89
C TRP C 115 -15.98 -16.07 -29.35
N ASN C 116 -17.03 -15.29 -29.66
CA ASN C 116 -17.27 -14.79 -31.01
C ASN C 116 -16.84 -13.33 -31.10
N GLY C 117 -16.38 -12.79 -29.97
CA GLY C 117 -15.95 -11.40 -29.91
C GLY C 117 -17.07 -10.41 -29.54
N ARG C 118 -18.28 -10.90 -29.25
N ARG C 118 -18.27 -10.91 -29.26
CA ARG C 118 -19.35 -10.02 -28.86
CA ARG C 118 -19.37 -10.04 -28.86
C ARG C 118 -19.16 -9.63 -27.41
C ARG C 118 -19.19 -9.63 -27.40
N THR C 119 -19.51 -8.37 -27.10
CA THR C 119 -19.39 -7.84 -25.75
C THR C 119 -20.76 -7.38 -25.26
N SER C 120 -20.91 -7.39 -23.96
CA SER C 120 -22.10 -6.88 -23.31
C SER C 120 -21.71 -6.27 -21.99
N THR C 121 -22.58 -5.43 -21.44
CA THR C 121 -22.33 -4.83 -20.13
C THR C 121 -23.56 -4.92 -19.23
N ALA C 122 -23.26 -4.88 -17.92
CA ALA C 122 -24.28 -4.70 -16.89
C ALA C 122 -23.74 -3.71 -15.86
N ASP C 123 -24.54 -2.68 -15.56
CA ASP C 123 -24.14 -1.65 -14.62
C ASP C 123 -25.00 -1.70 -13.35
N TYR C 124 -24.34 -1.54 -12.21
CA TYR C 124 -24.99 -1.54 -10.91
C TYR C 124 -24.67 -0.23 -10.20
N ALA C 125 -25.72 0.47 -9.76
CA ALA C 125 -25.58 1.75 -9.11
C ALA C 125 -25.39 1.57 -7.61
N MET C 126 -24.51 2.40 -7.03
CA MET C 126 -24.28 2.44 -5.61
C MET C 126 -23.76 1.08 -5.13
N PHE C 127 -22.75 0.58 -5.84
CA PHE C 127 -22.07 -0.67 -5.52
C PHE C 127 -21.14 -0.51 -4.31
N LYS C 128 -21.25 -1.44 -3.37
CA LYS C 128 -20.39 -1.45 -2.21
C LYS C 128 -20.02 -2.89 -1.86
N VAL C 129 -18.81 -3.07 -1.33
CA VAL C 129 -18.40 -4.28 -0.65
C VAL C 129 -18.12 -3.92 0.81
N GLY C 130 -18.74 -4.67 1.73
CA GLY C 130 -18.60 -4.42 3.15
C GLY C 130 -17.26 -4.89 3.72
N PRO C 131 -17.05 -4.71 5.04
CA PRO C 131 -15.79 -5.09 5.67
C PRO C 131 -15.68 -6.59 5.90
N GLU C 132 -14.50 -7.03 6.34
CA GLU C 132 -14.26 -8.45 6.54
C GLU C 132 -15.17 -8.96 7.66
N ALA C 133 -15.46 -8.09 8.62
CA ALA C 133 -16.34 -8.42 9.73
C ALA C 133 -17.70 -8.89 9.22
N ASP C 134 -18.13 -8.39 8.06
CA ASP C 134 -19.40 -8.78 7.47
C ASP C 134 -19.16 -9.63 6.21
N LYS C 135 -18.00 -10.27 6.15
CA LYS C 135 -17.66 -11.22 5.09
C LYS C 135 -17.77 -10.56 3.72
N TYR C 136 -17.35 -9.30 3.62
CA TYR C 136 -17.22 -8.61 2.33
C TYR C 136 -18.53 -8.66 1.56
N ARG C 137 -19.65 -8.40 2.25
CA ARG C 137 -20.97 -8.47 1.64
C ARG C 137 -21.12 -7.48 0.47
N LEU C 138 -21.69 -7.97 -0.64
N LEU C 138 -21.70 -7.98 -0.62
CA LEU C 138 -21.99 -7.18 -1.81
CA LEU C 138 -22.02 -7.19 -1.79
C LEU C 138 -23.36 -6.51 -1.64
C LEU C 138 -23.37 -6.51 -1.62
N THR C 139 -23.41 -5.19 -1.87
CA THR C 139 -24.70 -4.51 -2.00
C THR C 139 -24.65 -3.56 -3.18
N TYR C 140 -25.84 -3.30 -3.74
CA TYR C 140 -26.04 -2.23 -4.71
C TYR C 140 -27.46 -1.72 -4.53
N ALA C 141 -27.71 -0.51 -5.05
CA ALA C 141 -29.03 0.11 -4.96
C ALA C 141 -29.95 -0.44 -6.04
N TYR C 142 -29.48 -0.43 -7.30
CA TYR C 142 -30.32 -0.87 -8.40
C TYR C 142 -29.43 -1.22 -9.58
N PHE C 143 -29.97 -2.07 -10.45
CA PHE C 143 -29.44 -2.35 -11.77
C PHE C 143 -29.71 -1.16 -12.67
N ALA C 144 -28.64 -0.57 -13.20
CA ALA C 144 -28.71 0.65 -13.98
C ALA C 144 -28.71 0.37 -15.48
N GLY C 145 -28.77 -0.90 -15.89
CA GLY C 145 -29.01 -1.23 -17.28
C GLY C 145 -27.81 -1.92 -17.91
N GLY C 146 -28.03 -2.39 -19.15
CA GLY C 146 -26.99 -2.99 -19.96
C GLY C 146 -27.50 -4.25 -20.62
N ASP C 147 -26.99 -4.52 -21.82
CA ASP C 147 -27.44 -5.64 -22.64
C ASP C 147 -27.04 -7.01 -22.10
N ALA C 148 -26.15 -7.07 -21.11
CA ALA C 148 -25.84 -8.34 -20.47
C ALA C 148 -27.00 -8.81 -19.60
N GLY C 149 -27.87 -7.86 -19.19
CA GLY C 149 -28.97 -8.18 -18.30
C GLY C 149 -28.52 -8.27 -16.85
N ASP C 150 -29.50 -8.43 -15.97
CA ASP C 150 -29.31 -8.28 -14.54
C ASP C 150 -29.19 -9.65 -13.88
N ALA C 151 -28.03 -10.30 -14.01
CA ALA C 151 -27.85 -11.60 -13.40
C ALA C 151 -27.84 -11.52 -11.88
N PHE C 152 -27.44 -10.36 -11.31
CA PHE C 152 -27.40 -10.25 -9.87
C PHE C 152 -28.80 -10.27 -9.25
N ASP C 153 -29.84 -10.11 -10.06
CA ASP C 153 -31.21 -10.18 -9.58
C ASP C 153 -31.63 -11.62 -9.36
N GLY C 154 -30.77 -12.58 -9.71
CA GLY C 154 -31.14 -13.98 -9.76
C GLY C 154 -31.81 -14.33 -11.08
N PHE C 155 -31.92 -15.63 -11.36
CA PHE C 155 -32.40 -16.05 -12.65
C PHE C 155 -33.32 -17.26 -12.50
N ASP C 156 -34.40 -17.27 -13.28
CA ASP C 156 -35.30 -18.40 -13.30
C ASP C 156 -34.76 -19.45 -14.26
N PHE C 157 -33.98 -20.38 -13.71
CA PHE C 157 -33.34 -21.43 -14.48
C PHE C 157 -34.37 -22.46 -14.91
N GLY C 158 -35.50 -22.52 -14.19
CA GLY C 158 -36.59 -23.40 -14.55
C GLY C 158 -36.45 -24.78 -13.91
N ASP C 159 -35.49 -24.94 -13.00
CA ASP C 159 -35.26 -26.20 -12.31
C ASP C 159 -36.26 -26.31 -11.15
N ASP C 160 -36.55 -25.16 -10.51
CA ASP C 160 -37.37 -25.09 -9.31
C ASP C 160 -37.99 -23.71 -9.22
N PRO C 161 -39.22 -23.54 -8.67
CA PRO C 161 -39.85 -22.23 -8.57
C PRO C 161 -39.05 -21.17 -7.81
N SER C 162 -38.18 -21.62 -6.89
CA SER C 162 -37.42 -20.72 -6.04
C SER C 162 -36.03 -20.39 -6.61
N ASP C 163 -35.77 -20.77 -7.86
CA ASP C 163 -34.44 -20.58 -8.45
C ASP C 163 -33.98 -19.12 -8.40
N LYS C 164 -34.89 -18.19 -8.72
CA LYS C 164 -34.52 -16.79 -8.77
C LYS C 164 -34.11 -16.30 -7.38
N PHE C 165 -34.94 -16.62 -6.38
CA PHE C 165 -34.65 -16.24 -5.02
C PHE C 165 -33.28 -16.76 -4.60
N PHE C 166 -32.92 -17.99 -5.03
CA PHE C 166 -31.71 -18.65 -4.58
C PHE C 166 -30.48 -18.36 -5.42
N THR C 167 -30.64 -17.59 -6.51
CA THR C 167 -29.50 -17.24 -7.32
C THR C 167 -29.28 -15.73 -7.42
N SER C 168 -29.99 -14.96 -6.60
CA SER C 168 -29.76 -13.53 -6.54
C SER C 168 -28.49 -13.24 -5.75
N HIS C 169 -27.87 -12.08 -5.99
CA HIS C 169 -26.57 -11.79 -5.42
C HIS C 169 -26.54 -10.56 -4.53
N ASN C 170 -27.57 -9.70 -4.59
CA ASN C 170 -27.59 -8.51 -3.76
C ASN C 170 -27.70 -8.93 -2.30
N GLY C 171 -26.80 -8.42 -1.47
CA GLY C 171 -26.81 -8.72 -0.04
C GLY C 171 -26.11 -10.02 0.35
N MET C 172 -25.45 -10.68 -0.61
CA MET C 172 -24.76 -11.92 -0.31
C MET C 172 -23.37 -11.64 0.25
N GLN C 173 -22.98 -12.41 1.25
CA GLN C 173 -21.62 -12.40 1.76
C GLN C 173 -20.74 -13.11 0.74
N PHE C 174 -19.43 -12.90 0.85
CA PHE C 174 -18.46 -13.57 0.02
C PHE C 174 -18.14 -14.93 0.61
N SER C 175 -17.91 -15.93 -0.26
CA SER C 175 -17.54 -17.27 0.15
C SER C 175 -16.34 -17.76 -0.64
N THR C 176 -15.49 -18.50 0.07
CA THR C 176 -14.40 -19.28 -0.53
C THR C 176 -14.53 -20.71 -0.03
N TRP C 177 -13.75 -21.64 -0.60
CA TRP C 177 -13.90 -23.03 -0.20
C TRP C 177 -13.66 -23.20 1.29
N ASP C 178 -12.77 -22.38 1.87
CA ASP C 178 -12.38 -22.49 3.27
C ASP C 178 -13.13 -21.47 4.14
N ASN C 179 -14.15 -20.82 3.60
CA ASN C 179 -14.90 -19.83 4.35
C ASN C 179 -16.28 -19.70 3.71
N ASP C 180 -17.18 -20.60 4.11
CA ASP C 180 -18.50 -20.75 3.50
C ASP C 180 -19.50 -19.83 4.22
N ASN C 181 -20.04 -18.85 3.48
CA ASN C 181 -20.97 -17.86 4.00
C ASN C 181 -22.20 -17.78 3.11
N ASP C 182 -22.48 -18.88 2.41
CA ASP C 182 -23.57 -18.91 1.44
C ASP C 182 -24.87 -19.29 2.12
N LYS C 183 -25.93 -19.46 1.32
CA LYS C 183 -27.25 -19.81 1.84
C LYS C 183 -27.62 -21.25 1.48
N PHE C 184 -26.60 -22.10 1.33
CA PHE C 184 -26.77 -23.48 0.91
C PHE C 184 -26.31 -24.41 2.02
N GLU C 185 -26.95 -25.58 2.14
CA GLU C 185 -26.52 -26.55 3.12
C GLU C 185 -25.16 -27.14 2.74
N GLY C 186 -24.84 -27.16 1.44
CA GLY C 186 -23.51 -27.51 0.98
C GLY C 186 -22.63 -26.26 0.85
N ASN C 187 -21.53 -26.42 0.12
CA ASN C 187 -20.48 -25.43 0.01
C ASN C 187 -20.37 -25.00 -1.45
N CYS C 188 -21.03 -23.89 -1.78
CA CYS C 188 -21.09 -23.42 -3.16
C CYS C 188 -19.69 -23.17 -3.72
N ALA C 189 -18.86 -22.46 -2.94
CA ALA C 189 -17.54 -22.05 -3.41
C ALA C 189 -16.66 -23.26 -3.65
N GLU C 190 -16.73 -24.26 -2.76
CA GLU C 190 -15.94 -25.46 -2.91
C GLU C 190 -16.44 -26.25 -4.11
N GLN C 191 -17.76 -26.38 -4.24
CA GLN C 191 -18.35 -27.15 -5.31
C GLN C 191 -17.97 -26.55 -6.66
N ASP C 192 -18.10 -25.23 -6.78
CA ASP C 192 -17.93 -24.58 -8.07
C ASP C 192 -16.49 -24.13 -8.28
N GLY C 193 -15.65 -24.22 -7.25
CA GLY C 193 -14.22 -23.96 -7.37
C GLY C 193 -13.87 -22.48 -7.59
N SER C 194 -14.46 -21.59 -6.77
CA SER C 194 -14.33 -20.16 -6.97
C SER C 194 -14.43 -19.45 -5.62
N GLY C 195 -14.15 -18.15 -5.62
CA GLY C 195 -14.59 -17.24 -4.58
C GLY C 195 -15.62 -16.29 -5.16
N TRP C 196 -16.75 -16.13 -4.48
CA TRP C 196 -17.83 -15.34 -5.04
C TRP C 196 -18.88 -15.06 -3.98
N TRP C 197 -19.78 -14.13 -4.31
CA TRP C 197 -20.93 -13.79 -3.48
C TRP C 197 -22.03 -14.81 -3.74
N MET C 198 -21.85 -16.00 -3.14
CA MET C 198 -22.73 -17.13 -3.38
C MET C 198 -24.01 -17.03 -2.56
N ASN C 199 -25.09 -17.48 -3.18
CA ASN C 199 -26.39 -17.67 -2.56
C ASN C 199 -26.62 -19.17 -2.45
N LYS C 200 -27.38 -19.69 -3.41
CA LYS C 200 -27.65 -21.13 -3.50
C LYS C 200 -27.88 -21.51 -4.96
N CYS C 201 -26.88 -21.37 -5.84
CA CYS C 201 -25.57 -20.79 -5.61
C CYS C 201 -25.39 -19.47 -6.35
N HIS C 202 -25.73 -19.40 -7.64
CA HIS C 202 -25.37 -18.21 -8.40
C HIS C 202 -26.12 -18.14 -9.74
N ALA C 203 -26.29 -16.91 -10.23
CA ALA C 203 -26.77 -16.64 -11.58
C ALA C 203 -25.71 -15.91 -12.42
N GLY C 204 -24.83 -15.18 -11.75
CA GLY C 204 -23.65 -14.60 -12.37
C GLY C 204 -22.43 -15.09 -11.60
N HIS C 205 -21.36 -15.47 -12.30
CA HIS C 205 -20.27 -16.17 -11.65
C HIS C 205 -18.98 -15.93 -12.41
N LEU C 206 -18.40 -14.76 -12.23
CA LEU C 206 -17.32 -14.35 -13.13
C LEU C 206 -15.97 -14.89 -12.68
N ASN C 207 -15.91 -15.48 -11.47
CA ASN C 207 -14.70 -16.09 -10.95
C ASN C 207 -14.70 -17.61 -11.15
N GLY C 208 -15.54 -18.10 -12.05
CA GLY C 208 -15.66 -19.53 -12.30
C GLY C 208 -14.51 -20.10 -13.16
N VAL C 209 -14.67 -21.37 -13.54
CA VAL C 209 -13.67 -22.11 -14.27
C VAL C 209 -13.63 -21.64 -15.73
N TYR C 210 -12.41 -21.46 -16.24
CA TYR C 210 -12.18 -21.03 -17.61
C TYR C 210 -12.32 -22.22 -18.55
N TYR C 211 -13.45 -22.31 -19.21
CA TYR C 211 -13.70 -23.30 -20.26
C TYR C 211 -13.36 -22.72 -21.62
N GLN C 212 -12.40 -23.37 -22.28
CA GLN C 212 -11.94 -22.94 -23.59
C GLN C 212 -13.08 -23.13 -24.60
N GLY C 213 -13.34 -22.11 -25.42
CA GLY C 213 -14.34 -22.18 -26.46
C GLY C 213 -15.77 -21.87 -26.02
N GLY C 214 -15.98 -21.66 -24.71
CA GLY C 214 -17.25 -21.20 -24.19
C GLY C 214 -18.17 -22.35 -23.76
N THR C 215 -18.53 -23.20 -24.72
CA THR C 215 -19.47 -24.28 -24.48
C THR C 215 -18.83 -25.34 -23.59
N TYR C 216 -19.56 -25.77 -22.55
CA TYR C 216 -19.18 -26.91 -21.72
C TYR C 216 -20.46 -27.65 -21.32
N SER C 217 -20.32 -28.78 -20.62
CA SER C 217 -21.45 -29.63 -20.29
C SER C 217 -21.38 -30.10 -18.84
N LYS C 218 -22.44 -30.78 -18.39
CA LYS C 218 -22.47 -31.38 -17.08
C LYS C 218 -21.29 -32.34 -16.90
N ALA C 219 -20.95 -33.07 -17.97
CA ALA C 219 -19.87 -34.04 -17.94
C ALA C 219 -18.52 -33.39 -17.60
N SER C 220 -18.37 -32.10 -17.93
CA SER C 220 -17.11 -31.39 -17.77
C SER C 220 -16.82 -31.11 -16.30
N THR C 221 -17.84 -31.20 -15.44
CA THR C 221 -17.72 -30.63 -14.11
C THR C 221 -17.51 -31.73 -13.08
N PRO C 222 -16.77 -31.45 -11.99
CA PRO C 222 -16.46 -32.46 -10.98
C PRO C 222 -17.75 -32.89 -10.29
N ASN C 223 -18.70 -31.95 -10.18
CA ASN C 223 -19.89 -32.12 -9.36
C ASN C 223 -21.15 -32.26 -10.21
N GLY C 224 -21.08 -31.88 -11.50
CA GLY C 224 -22.26 -31.86 -12.37
C GLY C 224 -22.87 -30.45 -12.47
N TYR C 225 -22.40 -29.50 -11.66
CA TYR C 225 -23.01 -28.18 -11.65
C TYR C 225 -22.26 -27.24 -12.59
N ASP C 226 -22.94 -26.17 -13.00
CA ASP C 226 -22.44 -25.16 -13.92
C ASP C 226 -21.49 -24.22 -13.18
N ASN C 227 -20.19 -24.47 -13.29
CA ASN C 227 -19.18 -23.77 -12.52
C ASN C 227 -18.30 -22.89 -13.41
N GLY C 228 -18.74 -22.60 -14.65
CA GLY C 228 -18.00 -21.77 -15.58
C GLY C 228 -18.17 -20.27 -15.29
N ILE C 229 -17.63 -19.45 -16.19
CA ILE C 229 -17.69 -18.00 -16.06
C ILE C 229 -19.02 -17.55 -16.66
N ILE C 230 -20.08 -17.56 -15.86
CA ILE C 230 -21.42 -17.46 -16.41
C ILE C 230 -22.06 -16.12 -16.10
N TRP C 231 -23.05 -15.78 -16.93
CA TRP C 231 -23.91 -14.64 -16.68
C TRP C 231 -25.27 -14.95 -17.31
N ALA C 232 -26.18 -15.52 -16.51
CA ALA C 232 -27.28 -16.31 -17.04
C ALA C 232 -28.30 -15.45 -17.81
N THR C 233 -28.30 -14.14 -17.59
CA THR C 233 -29.19 -13.26 -18.34
C THR C 233 -28.66 -12.96 -19.73
N TRP C 234 -27.43 -13.37 -20.05
CA TRP C 234 -26.83 -13.11 -21.35
C TRP C 234 -26.59 -14.40 -22.12
N LYS C 235 -26.11 -15.45 -21.46
CA LYS C 235 -25.84 -16.74 -22.10
C LYS C 235 -26.27 -17.85 -21.15
N THR C 236 -26.43 -19.07 -21.69
N THR C 236 -26.42 -19.08 -21.67
CA THR C 236 -26.78 -20.24 -20.89
CA THR C 236 -26.82 -20.19 -20.81
C THR C 236 -25.74 -20.48 -19.79
C THR C 236 -25.75 -20.45 -19.76
N ARG C 237 -26.17 -21.18 -18.72
CA ARG C 237 -25.27 -21.58 -17.65
C ARG C 237 -24.17 -22.51 -18.18
N TRP C 238 -24.37 -23.08 -19.37
CA TRP C 238 -23.39 -23.98 -19.99
C TRP C 238 -22.53 -23.23 -20.99
N TYR C 239 -22.38 -21.92 -20.80
CA TYR C 239 -21.49 -21.11 -21.63
C TYR C 239 -20.64 -20.23 -20.73
N SER C 240 -19.32 -20.33 -20.92
CA SER C 240 -18.33 -19.66 -20.12
C SER C 240 -17.67 -18.55 -20.94
N MET C 241 -17.61 -17.33 -20.39
CA MET C 241 -17.12 -16.17 -21.14
C MET C 241 -15.64 -16.31 -21.49
N LYS C 242 -15.21 -15.61 -22.55
CA LYS C 242 -13.82 -15.57 -22.95
C LYS C 242 -13.09 -14.50 -22.15
N LYS C 243 -13.74 -13.37 -21.90
CA LYS C 243 -13.15 -12.32 -21.09
C LYS C 243 -14.21 -11.71 -20.18
N THR C 244 -13.76 -11.26 -18.99
CA THR C 244 -14.60 -10.49 -18.10
C THR C 244 -13.79 -9.34 -17.53
N THR C 245 -14.50 -8.26 -17.21
CA THR C 245 -13.92 -7.17 -16.45
C THR C 245 -14.95 -6.71 -15.43
N MET C 246 -14.50 -6.51 -14.19
CA MET C 246 -15.32 -5.86 -13.18
C MET C 246 -14.59 -4.60 -12.76
N LYS C 247 -15.25 -3.44 -12.91
CA LYS C 247 -14.58 -2.17 -12.71
C LYS C 247 -15.55 -1.17 -12.08
N ILE C 248 -15.03 -0.22 -11.32
CA ILE C 248 -15.88 0.73 -10.65
C ILE C 248 -15.46 2.16 -10.96
N ILE C 249 -16.45 3.05 -10.87
CA ILE C 249 -16.26 4.45 -11.17
C ILE C 249 -17.28 5.24 -10.36
N PRO C 250 -17.00 6.48 -9.93
CA PRO C 250 -18.03 7.30 -9.30
C PRO C 250 -19.25 7.37 -10.22
N PHE C 251 -20.43 7.24 -9.60
CA PHE C 251 -21.67 7.02 -10.32
C PHE C 251 -21.96 8.12 -11.33
N ASN C 252 -21.57 9.35 -11.01
CA ASN C 252 -21.88 10.47 -11.90
C ASN C 252 -21.21 10.35 -13.26
N ARG C 253 -20.20 9.49 -13.38
CA ARG C 253 -19.53 9.30 -14.68
C ARG C 253 -20.43 8.54 -15.65
N LEU C 254 -21.43 7.83 -15.14
CA LEU C 254 -22.46 7.22 -15.99
C LEU C 254 -23.43 8.35 -16.41
N GLY D 1 -25.49 -21.77 -11.01
CA GLY D 1 -26.90 -22.17 -11.04
C GLY D 1 -27.45 -22.36 -9.64
N PRO D 2 -28.69 -22.89 -9.53
CA PRO D 2 -29.33 -23.16 -8.24
C PRO D 2 -28.92 -24.52 -7.66
N ARG D 3 -29.58 -24.91 -6.56
CA ARG D 3 -29.35 -26.19 -5.91
C ARG D 3 -30.69 -26.76 -5.48
N PRO D 4 -30.74 -28.01 -4.98
CA PRO D 4 -31.96 -28.54 -4.36
C PRO D 4 -32.20 -27.83 -3.03
CA CA E . 30.74 23.78 10.96
CA CA F . -23.06 -23.38 2.89
C1 GOL G . -5.01 -2.06 3.15
O1 GOL G . -5.37 -1.11 4.16
C2 GOL G . -4.12 -1.43 2.11
O2 GOL G . -2.87 -1.03 2.70
C3 GOL G . -3.86 -2.34 0.92
O3 GOL G . -3.32 -3.58 1.34
C1 GOL H . -14.99 -25.78 4.87
O1 GOL H . -15.28 -24.41 4.59
C2 GOL H . -13.53 -26.09 4.59
O2 GOL H . -12.72 -25.35 5.50
C3 GOL H . -13.19 -27.56 4.66
O3 GOL H . -14.30 -28.37 5.05
#